data_5TYP
#
_entry.id   5TYP
#
_cell.length_a   48.464
_cell.length_b   101.796
_cell.length_c   224.651
_cell.angle_alpha   90.00
_cell.angle_beta   90.00
_cell.angle_gamma   90.00
#
_symmetry.space_group_name_H-M   'C 2 2 21'
#
loop_
_entity.id
_entity.type
_entity.pdbx_description
1 polymer 'Carboxylic ester hydrolase'
2 non-polymer '(3-bromo-4-methylphenyl)boronic acid'
3 water water
#
_entity_poly.entity_id   1
_entity_poly.type   'polypeptide(L)'
_entity_poly.pdbx_seq_one_letter_code
;MHHHHHHMNFNVSLMEKLKWKIKCIENKFLNYRLTTNETVVAETEYGKVKGVKRLTVYDDSYYSFEGIPYAQPPVGELRF
KAPQRPTPWAGVRDCCNHKDKSVQVDFITGKVCGSEDCLYLSVYTNNLNPETKRPVLVYIHGGGFIIGENHRDMYGPDYF
IKKDVVLINIQYRLGALGFLSLNSEDLNVPGNAGLKDQVMALRWIKNNCANFGGNPDNITVFGESAGAASTHYMMLTEQT
RGLFHRGILMSGNAICPWANTQCQHRAFTLAKLAGYKGEDNDKDVLEFLMKAKPQDLIKLEEKVLTLEERTNKVMFPFGP
TVEPYQTADCVLPKHPREMVKTAWGNSIPTMMGNTSYEGLFFTSILKQMPLLVKELETCVNFVPSELADAERTAPETLEM
GAKIKKAHVTGETPTADNFMDLCSHFYFWFPMHRLLQLRFNHTSGTPVYLYRFDFDSEDLINPYRIMRSGRGVKGVSHTD
ELTYFFWNQLAKRMPKESREYKTIERMTGIWTQFATTGNPYSNEIEGMENVSWDPIEKSDEVYKCLNISDELKMIDVPEM
GKIKQWESMFEKHRDLF
;
_entity_poly.pdbx_strand_id   A
#
loop_
_chem_comp.id
_chem_comp.type
_chem_comp.name
_chem_comp.formula
7NJ non-polymer '(3-bromo-4-methylphenyl)boronic acid' 'C7 H8 B Br O2'
#
# COMPACT_ATOMS: atom_id res chain seq x y z
N VAL A 12 2.97 -13.88 18.73
CA VAL A 12 2.98 -15.07 17.86
C VAL A 12 2.10 -16.17 18.49
N SER A 13 1.53 -17.02 17.64
CA SER A 13 0.66 -18.10 18.12
C SER A 13 0.68 -19.47 17.39
N LEU A 14 1.36 -20.42 18.05
CA LEU A 14 1.42 -21.86 17.76
C LEU A 14 0.26 -22.55 16.98
N MET A 15 -0.98 -22.09 17.19
CA MET A 15 -2.18 -22.63 16.53
C MET A 15 -2.44 -22.27 15.06
N GLU A 16 -2.19 -21.01 14.71
CA GLU A 16 -2.51 -20.46 13.42
C GLU A 16 -1.18 -20.63 12.70
N LYS A 17 -0.23 -21.16 13.46
CA LYS A 17 1.04 -21.64 12.94
C LYS A 17 0.86 -23.01 12.30
N LEU A 18 0.02 -23.85 12.89
CA LEU A 18 -0.22 -25.17 12.31
C LEU A 18 -1.22 -25.08 11.15
N LYS A 19 -2.35 -24.39 11.33
CA LYS A 19 -3.36 -24.45 10.27
C LYS A 19 -3.18 -23.37 9.21
N TRP A 20 -2.19 -22.51 9.43
CA TRP A 20 -1.69 -21.70 8.34
C TRP A 20 -0.84 -22.65 7.53
N LYS A 21 0.01 -23.38 8.24
CA LYS A 21 0.80 -24.40 7.59
C LYS A 21 0.01 -25.72 7.48
N ILE A 22 -1.29 -25.63 7.14
CA ILE A 22 -2.07 -26.79 6.66
C ILE A 22 -2.67 -26.33 5.32
N LYS A 23 -2.96 -25.03 5.24
CA LYS A 23 -3.59 -24.49 4.06
C LYS A 23 -2.46 -23.97 3.21
N CYS A 24 -1.24 -24.26 3.65
CA CYS A 24 -0.08 -23.95 2.86
C CYS A 24 0.00 -25.10 1.88
N ILE A 25 -0.16 -26.32 2.44
CA ILE A 25 -0.09 -27.57 1.69
C ILE A 25 -1.19 -27.59 0.63
N GLU A 26 -2.34 -27.05 0.99
CA GLU A 26 -3.55 -27.18 0.19
C GLU A 26 -3.78 -25.93 -0.67
N ASN A 27 -2.84 -24.98 -0.62
CA ASN A 27 -2.86 -23.86 -1.55
C ASN A 27 -1.82 -24.09 -2.64
N LYS A 28 -0.87 -25.00 -2.40
CA LYS A 28 0.06 -25.45 -3.44
C LYS A 28 -0.48 -26.69 -4.17
N PHE A 29 -1.35 -27.44 -3.50
CA PHE A 29 -2.03 -28.54 -4.15
C PHE A 29 -3.23 -28.03 -4.94
N LEU A 30 -3.96 -27.09 -4.36
CA LEU A 30 -5.04 -26.40 -5.08
C LEU A 30 -4.44 -25.65 -6.26
N ASN A 31 -3.27 -25.07 -6.05
CA ASN A 31 -2.54 -24.39 -7.12
C ASN A 31 -2.23 -25.33 -8.27
N TYR A 32 -1.81 -26.54 -7.92
CA TYR A 32 -1.47 -27.54 -8.92
C TYR A 32 -2.71 -27.94 -9.72
N ARG A 33 -3.78 -28.31 -9.01
CA ARG A 33 -5.03 -28.72 -9.64
C ARG A 33 -5.57 -27.65 -10.59
N LEU A 34 -5.51 -26.39 -10.15
CA LEU A 34 -6.07 -25.30 -10.96
C LEU A 34 -5.14 -24.86 -12.08
N THR A 35 -4.07 -25.61 -12.30
CA THR A 35 -3.21 -25.32 -13.44
C THR A 35 -3.61 -26.19 -14.63
N THR A 36 -3.33 -25.68 -15.82
CA THR A 36 -3.53 -26.43 -17.06
C THR A 36 -2.20 -26.69 -17.75
N ASN A 37 -2.21 -27.57 -18.75
CA ASN A 37 -0.98 -27.91 -19.45
C ASN A 37 -0.77 -26.99 -20.63
N GLU A 38 -1.66 -26.02 -20.76
CA GLU A 38 -1.57 -25.03 -21.82
C GLU A 38 -0.57 -23.95 -21.45
N THR A 39 0.60 -24.00 -22.07
CA THR A 39 1.65 -23.02 -21.79
C THR A 39 1.83 -22.07 -22.96
N VAL A 40 2.29 -20.85 -22.69
CA VAL A 40 2.39 -19.82 -23.72
C VAL A 40 3.68 -19.02 -23.61
N VAL A 41 4.06 -18.35 -24.70
CA VAL A 41 5.29 -17.57 -24.70
C VAL A 41 5.06 -16.14 -25.20
N ALA A 42 5.51 -15.15 -24.44
CA ALA A 42 5.36 -13.77 -24.82
C ALA A 42 6.71 -13.09 -24.99
N GLU A 43 6.74 -12.03 -25.79
CA GLU A 43 7.99 -11.31 -26.07
C GLU A 43 8.15 -10.10 -25.17
N THR A 44 9.00 -10.18 -24.16
CA THR A 44 9.28 -9.00 -23.38
C THR A 44 10.48 -8.28 -23.99
N GLU A 45 10.62 -7.01 -23.65
CA GLU A 45 11.77 -6.22 -24.05
C GLU A 45 13.09 -6.93 -23.79
N TYR A 46 13.12 -7.68 -22.70
CA TYR A 46 14.35 -8.33 -22.24
C TYR A 46 14.49 -9.73 -22.80
N GLY A 47 13.59 -10.10 -23.69
CA GLY A 47 13.58 -11.46 -24.19
C GLY A 47 12.24 -12.11 -23.93
N LYS A 48 12.12 -13.39 -24.29
CA LYS A 48 10.82 -14.05 -24.23
C LYS A 48 10.56 -14.61 -22.85
N VAL A 49 9.29 -14.81 -22.51
CA VAL A 49 8.91 -15.44 -21.24
C VAL A 49 7.82 -16.45 -21.43
N LYS A 50 7.85 -17.50 -20.61
CA LYS A 50 6.90 -18.60 -20.73
C LYS A 50 5.86 -18.57 -19.62
N GLY A 51 4.59 -18.45 -20.00
CA GLY A 51 3.50 -18.42 -19.01
C GLY A 51 2.75 -19.73 -18.92
N VAL A 52 1.55 -19.67 -18.37
CA VAL A 52 0.70 -20.84 -18.23
C VAL A 52 -0.74 -20.43 -17.90
N LYS A 53 -1.72 -21.07 -18.55
CA LYS A 53 -3.12 -20.77 -18.27
C LYS A 53 -3.52 -21.39 -16.94
N ARG A 54 -4.30 -20.67 -16.16
CA ARG A 54 -4.70 -21.18 -14.86
C ARG A 54 -6.22 -21.04 -14.63
N LEU A 55 -6.72 -21.74 -13.62
CA LEU A 55 -8.14 -21.78 -13.34
C LEU A 55 -8.50 -21.17 -11.99
N THR A 56 -9.69 -20.58 -11.91
CA THR A 56 -10.21 -20.05 -10.67
C THR A 56 -11.34 -20.92 -10.15
N VAL A 57 -11.73 -20.75 -8.90
CA VAL A 57 -12.81 -21.56 -8.35
C VAL A 57 -14.15 -21.17 -9.00
N TYR A 58 -14.16 -20.10 -9.77
CA TYR A 58 -15.36 -19.69 -10.50
C TYR A 58 -15.27 -20.16 -11.95
N ASP A 59 -14.50 -21.23 -12.13
CA ASP A 59 -14.28 -21.86 -13.43
C ASP A 59 -13.94 -20.84 -14.51
N ASP A 60 -13.21 -19.81 -14.12
CA ASP A 60 -12.68 -18.87 -15.10
C ASP A 60 -11.25 -19.26 -15.44
N SER A 61 -10.62 -18.51 -16.33
CA SER A 61 -9.31 -18.89 -16.81
C SER A 61 -8.52 -17.67 -17.19
N TYR A 62 -7.23 -17.72 -16.90
CA TYR A 62 -6.34 -16.63 -17.24
C TYR A 62 -4.95 -17.16 -17.56
N TYR A 63 -4.25 -16.43 -18.42
CA TYR A 63 -2.83 -16.61 -18.63
C TYR A 63 -2.05 -15.97 -17.48
N SER A 64 -1.05 -16.68 -16.99
CA SER A 64 -0.31 -16.25 -15.82
C SER A 64 1.19 -16.18 -16.07
N PHE A 65 1.72 -14.97 -16.09
CA PHE A 65 3.16 -14.77 -16.17
C PHE A 65 3.69 -14.27 -14.82
N GLU A 66 4.38 -15.13 -14.08
CA GLU A 66 4.99 -14.76 -12.81
C GLU A 66 6.52 -14.86 -12.88
N GLY A 67 7.24 -14.09 -12.07
CA GLY A 67 8.69 -14.20 -12.07
C GLY A 67 9.40 -13.32 -13.09
N ILE A 68 8.67 -12.42 -13.73
CA ILE A 68 9.32 -11.50 -14.66
C ILE A 68 10.20 -10.50 -13.93
N PRO A 69 11.52 -10.59 -14.13
CA PRO A 69 12.42 -9.62 -13.48
C PRO A 69 12.40 -8.28 -14.18
N TYR A 70 12.24 -7.20 -13.43
CA TYR A 70 12.25 -5.88 -14.06
C TYR A 70 13.51 -5.17 -13.65
N ALA A 71 14.31 -5.84 -12.83
CA ALA A 71 15.51 -5.24 -12.28
C ALA A 71 16.57 -6.30 -12.04
N GLN A 72 17.81 -5.84 -11.94
CA GLN A 72 18.91 -6.69 -11.54
C GLN A 72 18.71 -7.08 -10.07
N PRO A 73 18.82 -8.37 -9.74
CA PRO A 73 18.79 -8.81 -8.34
C PRO A 73 19.71 -7.94 -7.48
N PRO A 74 19.12 -7.22 -6.51
CA PRO A 74 19.84 -6.17 -5.80
C PRO A 74 20.68 -6.75 -4.66
N VAL A 75 21.50 -7.75 -4.98
CA VAL A 75 22.37 -8.42 -4.02
C VAL A 75 23.82 -7.96 -4.13
N GLY A 76 24.63 -8.34 -3.15
CA GLY A 76 26.05 -8.05 -3.17
C GLY A 76 26.27 -6.55 -3.08
N GLU A 77 27.06 -6.02 -3.99
CA GLU A 77 27.30 -4.59 -4.03
C GLU A 77 26.05 -3.76 -4.47
N LEU A 78 25.03 -4.44 -4.99
CA LEU A 78 23.79 -3.75 -5.36
C LEU A 78 22.82 -3.52 -4.16
N ARG A 79 23.18 -4.04 -2.98
CA ARG A 79 22.32 -3.90 -1.80
C ARG A 79 22.24 -2.44 -1.32
N PHE A 80 21.04 -2.01 -0.93
CA PHE A 80 20.74 -0.61 -0.58
C PHE A 80 20.89 0.33 -1.77
N LYS A 81 21.14 -0.22 -2.96
CA LYS A 81 21.33 0.61 -4.15
C LYS A 81 20.06 0.71 -5.00
N ALA A 82 19.99 1.71 -5.87
CA ALA A 82 18.88 1.84 -6.83
C ALA A 82 18.88 0.67 -7.78
N PRO A 83 17.68 0.22 -8.20
CA PRO A 83 17.66 -0.93 -9.08
C PRO A 83 18.32 -0.58 -10.40
N GLN A 84 18.87 -1.60 -11.05
CA GLN A 84 19.52 -1.44 -12.31
C GLN A 84 18.78 -2.34 -13.22
N ARG A 85 18.63 -1.92 -14.45
CA ARG A 85 17.87 -2.74 -15.33
C ARG A 85 18.62 -4.04 -15.56
N PRO A 86 17.88 -5.16 -15.62
CA PRO A 86 18.48 -6.49 -15.64
C PRO A 86 19.13 -6.86 -16.98
N THR A 87 19.46 -8.14 -17.11
CA THR A 87 20.23 -8.62 -18.24
C THR A 87 19.35 -9.46 -19.17
N PRO A 88 19.29 -9.08 -20.45
CA PRO A 88 18.51 -9.78 -21.49
C PRO A 88 18.91 -11.24 -21.63
N TRP A 89 18.21 -11.93 -22.52
CA TRP A 89 18.45 -13.35 -22.70
C TRP A 89 17.92 -13.86 -24.04
N ALA A 90 18.78 -14.56 -24.77
CA ALA A 90 18.37 -15.29 -25.97
C ALA A 90 17.70 -16.58 -25.51
N GLY A 91 16.61 -16.97 -26.17
CA GLY A 91 15.83 -18.07 -25.67
C GLY A 91 14.75 -17.50 -24.78
N VAL A 92 14.01 -18.38 -24.08
CA VAL A 92 12.86 -17.91 -23.32
C VAL A 92 12.96 -18.28 -21.84
N ARG A 93 12.75 -17.28 -21.00
CA ARG A 93 12.73 -17.44 -19.56
C ARG A 93 11.49 -18.19 -19.11
N ASP A 94 11.66 -19.06 -18.11
CA ASP A 94 10.54 -19.70 -17.44
C ASP A 94 9.77 -18.67 -16.60
N CYS A 95 8.44 -18.76 -16.60
CA CYS A 95 7.62 -17.87 -15.79
C CYS A 95 6.30 -18.51 -15.35
N CYS A 96 6.31 -19.81 -15.11
CA CYS A 96 5.10 -20.49 -14.67
C CYS A 96 5.07 -20.67 -13.17
N ASN A 97 6.11 -20.17 -12.51
CA ASN A 97 6.18 -20.18 -11.06
C ASN A 97 6.64 -18.84 -10.53
N HIS A 98 6.18 -18.52 -9.32
CA HIS A 98 6.50 -17.23 -8.70
C HIS A 98 7.89 -17.25 -8.07
N LYS A 99 8.47 -16.06 -7.89
CA LYS A 99 9.73 -15.91 -7.15
C LYS A 99 9.48 -15.69 -5.67
N ASP A 100 10.52 -15.46 -4.87
CA ASP A 100 10.30 -15.28 -3.44
C ASP A 100 9.96 -13.82 -3.15
N LYS A 101 9.37 -13.56 -1.98
CA LYS A 101 9.03 -12.19 -1.60
C LYS A 101 10.24 -11.53 -0.99
N SER A 102 10.20 -10.20 -0.84
CA SER A 102 11.29 -9.44 -0.22
C SER A 102 11.49 -9.91 1.23
N VAL A 103 12.73 -9.84 1.72
CA VAL A 103 12.98 -10.33 3.06
C VAL A 103 12.12 -9.56 4.06
N GLN A 104 11.47 -10.29 4.97
CA GLN A 104 10.55 -9.71 5.89
C GLN A 104 10.28 -10.68 6.99
N VAL A 105 9.65 -10.17 8.04
CA VAL A 105 9.23 -10.95 9.18
C VAL A 105 7.83 -11.48 8.93
N ASP A 106 7.66 -12.78 9.10
CA ASP A 106 6.37 -13.41 8.99
C ASP A 106 5.59 -13.09 10.24
N PHE A 107 4.56 -12.28 10.11
CA PHE A 107 3.73 -11.91 11.25
C PHE A 107 3.19 -13.15 11.95
N ILE A 108 2.91 -14.18 11.16
CA ILE A 108 2.28 -15.41 11.64
C ILE A 108 3.23 -16.30 12.45
N THR A 109 4.45 -16.48 11.97
CA THR A 109 5.41 -17.38 12.64
C THR A 109 6.45 -16.63 13.48
N GLY A 110 6.69 -15.38 13.13
CA GLY A 110 7.63 -14.54 13.88
C GLY A 110 9.01 -14.60 13.30
N LYS A 111 9.21 -15.51 12.36
CA LYS A 111 10.51 -15.75 11.76
C LYS A 111 10.64 -15.07 10.40
N VAL A 112 11.85 -14.78 10.00
CA VAL A 112 12.10 -14.12 8.72
C VAL A 112 11.97 -15.11 7.58
N CYS A 113 11.39 -14.66 6.48
CA CYS A 113 11.32 -15.42 5.24
C CYS A 113 11.58 -14.47 4.10
N GLY A 114 11.51 -14.98 2.87
CA GLY A 114 11.79 -14.18 1.68
C GLY A 114 13.26 -14.14 1.29
N SER A 115 13.58 -13.35 0.27
CA SER A 115 14.93 -13.27 -0.28
C SER A 115 15.29 -11.87 -0.75
N GLU A 116 16.58 -11.61 -0.88
CA GLU A 116 17.01 -10.34 -1.44
C GLU A 116 16.71 -10.29 -2.94
N ASP A 117 16.60 -11.49 -3.52
CA ASP A 117 16.30 -11.66 -4.93
C ASP A 117 14.80 -11.68 -5.10
N CYS A 118 14.22 -10.49 -5.24
CA CYS A 118 12.77 -10.37 -5.14
C CYS A 118 12.17 -9.33 -6.07
N LEU A 119 12.96 -8.80 -7.00
CA LEU A 119 12.47 -7.70 -7.82
C LEU A 119 11.77 -8.21 -9.07
N TYR A 120 10.58 -8.78 -8.87
CA TYR A 120 9.82 -9.42 -9.94
C TYR A 120 8.37 -8.91 -9.98
N LEU A 121 7.70 -9.11 -11.10
CA LEU A 121 6.28 -8.81 -11.20
C LEU A 121 5.56 -9.94 -11.90
N SER A 122 4.24 -9.96 -11.74
CA SER A 122 3.41 -10.97 -12.36
C SER A 122 2.40 -10.28 -13.28
N VAL A 123 2.13 -10.91 -14.43
CA VAL A 123 1.19 -10.37 -15.43
C VAL A 123 0.08 -11.39 -15.64
N TYR A 124 -1.16 -10.91 -15.59
CA TYR A 124 -2.34 -11.76 -15.71
C TYR A 124 -3.35 -11.17 -16.69
N THR A 125 -4.05 -12.03 -17.43
CA THR A 125 -5.08 -11.65 -18.41
C THR A 125 -5.82 -12.89 -18.94
N ASN A 126 -7.13 -12.75 -19.19
CA ASN A 126 -7.93 -13.91 -19.65
C ASN A 126 -7.76 -14.17 -21.14
N ASN A 127 -7.15 -13.22 -21.84
CA ASN A 127 -6.97 -13.28 -23.28
C ASN A 127 -5.68 -12.61 -23.73
N LEU A 128 -4.76 -13.40 -24.24
CA LEU A 128 -3.47 -12.89 -24.65
C LEU A 128 -3.53 -12.07 -25.92
N ASN A 129 -4.46 -12.42 -26.81
CA ASN A 129 -4.73 -11.52 -27.91
C ASN A 129 -6.21 -11.18 -28.06
N PRO A 130 -6.64 -10.20 -27.26
CA PRO A 130 -7.87 -9.48 -27.56
C PRO A 130 -7.60 -8.65 -28.80
N GLU A 131 -8.61 -8.33 -29.59
CA GLU A 131 -8.34 -7.45 -30.72
C GLU A 131 -8.72 -6.04 -30.34
N THR A 132 -8.61 -5.77 -29.04
CA THR A 132 -8.63 -4.40 -28.51
C THR A 132 -7.55 -4.24 -27.44
N LYS A 133 -6.82 -3.14 -27.49
CA LYS A 133 -5.77 -2.87 -26.51
C LYS A 133 -6.39 -2.50 -25.17
N ARG A 134 -6.16 -3.34 -24.15
CA ARG A 134 -6.90 -3.25 -22.89
C ARG A 134 -6.31 -2.30 -21.86
N PRO A 135 -7.16 -1.83 -20.92
CA PRO A 135 -6.66 -1.08 -19.77
C PRO A 135 -5.75 -1.96 -18.91
N VAL A 136 -4.68 -1.40 -18.38
CA VAL A 136 -3.74 -2.20 -17.60
C VAL A 136 -3.75 -1.69 -16.18
N LEU A 137 -4.03 -2.58 -15.23
CA LEU A 137 -4.07 -2.17 -13.83
C LEU A 137 -2.86 -2.73 -13.10
N VAL A 138 -2.09 -1.83 -12.50
CA VAL A 138 -0.89 -2.21 -11.76
C VAL A 138 -1.14 -2.13 -10.26
N TYR A 139 -1.10 -3.25 -9.53
CA TYR A 139 -1.34 -3.20 -8.10
C TYR A 139 -0.03 -3.17 -7.28
N ILE A 140 0.09 -2.22 -6.36
CA ILE A 140 1.23 -2.16 -5.45
C ILE A 140 0.73 -2.53 -4.04
N HIS A 141 1.21 -3.66 -3.50
CA HIS A 141 0.70 -4.12 -2.21
C HIS A 141 1.13 -3.16 -1.10
N GLY A 142 0.39 -3.19 0.01
CA GLY A 142 0.79 -2.50 1.23
C GLY A 142 1.54 -3.43 2.18
N GLY A 143 1.60 -3.06 3.45
CA GLY A 143 2.35 -3.80 4.44
C GLY A 143 3.39 -2.93 5.13
N GLY A 144 3.12 -1.63 5.22
CA GLY A 144 3.97 -0.73 5.97
C GLY A 144 5.35 -0.52 5.38
N PHE A 145 5.51 -0.90 4.11
CA PHE A 145 6.85 -0.96 3.48
C PHE A 145 7.79 -1.96 4.21
N ILE A 146 7.24 -2.83 5.06
CA ILE A 146 8.07 -3.89 5.68
C ILE A 146 7.58 -5.33 5.46
N ILE A 147 6.34 -5.52 4.99
CA ILE A 147 5.91 -6.86 4.60
C ILE A 147 5.12 -6.80 3.29
N GLY A 148 4.80 -7.98 2.76
CA GLY A 148 3.98 -8.07 1.56
C GLY A 148 4.66 -8.83 0.43
N GLU A 149 3.86 -9.17 -0.58
CA GLU A 149 4.32 -10.02 -1.67
C GLU A 149 3.30 -9.89 -2.81
N ASN A 150 3.67 -10.37 -3.99
CA ASN A 150 2.76 -10.43 -5.12
C ASN A 150 2.31 -11.85 -5.37
N HIS A 151 2.44 -12.69 -4.35
CA HIS A 151 2.04 -14.08 -4.47
C HIS A 151 0.53 -14.16 -4.49
N ARG A 152 0.04 -15.18 -5.18
CA ARG A 152 -1.37 -15.28 -5.48
C ARG A 152 -2.08 -15.89 -4.28
N ASP A 153 -1.31 -16.31 -3.28
CA ASP A 153 -1.94 -16.80 -2.05
C ASP A 153 -2.46 -15.63 -1.21
N MET A 154 -2.05 -14.42 -1.57
CA MET A 154 -2.61 -13.25 -0.94
C MET A 154 -3.22 -12.29 -1.97
N TYR A 155 -2.58 -12.19 -3.12
CA TYR A 155 -3.07 -11.32 -4.18
C TYR A 155 -3.37 -12.06 -5.49
N GLY A 156 -4.28 -13.03 -5.40
CA GLY A 156 -4.69 -13.83 -6.55
C GLY A 156 -5.60 -13.02 -7.45
N PRO A 157 -5.30 -13.02 -8.75
CA PRO A 157 -5.97 -12.17 -9.73
C PRO A 157 -7.34 -12.72 -10.13
N ASP A 158 -7.85 -13.71 -9.40
CA ASP A 158 -8.95 -14.53 -9.86
C ASP A 158 -10.21 -13.72 -10.15
N TYR A 159 -10.42 -12.65 -9.38
CA TYR A 159 -11.65 -11.89 -9.56
C TYR A 159 -11.51 -10.90 -10.70
N PHE A 160 -10.36 -10.26 -10.80
CA PHE A 160 -10.20 -9.23 -11.83
C PHE A 160 -10.17 -9.81 -13.24
N ILE A 161 -9.75 -11.07 -13.37
CA ILE A 161 -9.63 -11.66 -14.69
C ILE A 161 -11.00 -11.98 -15.29
N LYS A 162 -12.05 -12.02 -14.48
CA LYS A 162 -13.42 -12.02 -15.01
C LYS A 162 -13.63 -10.83 -15.96
N LYS A 163 -12.90 -9.74 -15.71
CA LYS A 163 -12.97 -8.57 -16.56
C LYS A 163 -11.89 -8.61 -17.64
N ASP A 164 -12.17 -7.99 -18.78
CA ASP A 164 -11.18 -7.95 -19.84
C ASP A 164 -10.17 -6.86 -19.59
N VAL A 165 -9.25 -7.10 -18.66
CA VAL A 165 -8.12 -6.19 -18.49
C VAL A 165 -6.86 -7.00 -18.41
N VAL A 166 -5.74 -6.30 -18.25
CA VAL A 166 -4.50 -6.93 -17.86
C VAL A 166 -4.11 -6.40 -16.48
N LEU A 167 -3.92 -7.33 -15.56
CA LEU A 167 -3.58 -7.03 -14.17
C LEU A 167 -2.13 -7.41 -13.89
N ILE A 168 -1.38 -6.48 -13.34
CA ILE A 168 0.02 -6.69 -13.01
C ILE A 168 0.30 -6.39 -11.53
N ASN A 169 0.82 -7.38 -10.80
CA ASN A 169 1.21 -7.18 -9.40
C ASN A 169 2.73 -7.18 -9.22
N ILE A 170 3.26 -6.10 -8.67
CA ILE A 170 4.71 -5.94 -8.55
C ILE A 170 5.23 -6.21 -7.14
N GLN A 171 6.51 -6.51 -7.04
CA GLN A 171 7.16 -6.47 -5.75
C GLN A 171 8.16 -5.36 -5.75
N TYR A 172 8.74 -5.08 -4.58
CA TYR A 172 9.69 -4.00 -4.38
C TYR A 172 10.36 -4.22 -3.02
N ARG A 173 11.62 -3.82 -2.89
CA ARG A 173 12.35 -4.10 -1.65
C ARG A 173 11.68 -3.48 -0.42
N LEU A 174 11.57 -4.26 0.65
CA LEU A 174 10.95 -3.81 1.89
C LEU A 174 11.99 -3.53 2.98
N GLY A 175 11.55 -2.84 4.03
CA GLY A 175 12.34 -2.60 5.23
C GLY A 175 13.67 -1.89 4.99
N ALA A 176 14.66 -2.24 5.82
CA ALA A 176 15.92 -1.55 5.69
C ALA A 176 16.57 -1.85 4.33
N LEU A 177 16.43 -3.07 3.84
CA LEU A 177 17.01 -3.38 2.53
C LEU A 177 16.36 -2.49 1.45
N GLY A 178 15.13 -2.02 1.68
CA GLY A 178 14.49 -1.13 0.73
C GLY A 178 14.61 0.35 1.06
N PHE A 179 14.83 0.68 2.33
CA PHE A 179 14.68 2.08 2.70
C PHE A 179 15.79 2.67 3.60
N LEU A 180 16.93 1.99 3.63
CA LEU A 180 18.12 2.55 4.27
C LEU A 180 18.42 3.90 3.61
N SER A 181 18.81 4.89 4.40
CA SER A 181 19.18 6.18 3.82
C SER A 181 20.42 6.74 4.49
N LEU A 182 21.42 7.06 3.67
CA LEU A 182 22.66 7.61 4.20
C LEU A 182 22.95 9.00 3.62
N ASN A 183 23.26 9.92 4.51
CA ASN A 183 23.59 11.30 4.17
C ASN A 183 24.78 11.51 3.26
N SER A 184 25.75 10.58 3.29
CA SER A 184 26.99 10.81 2.58
C SER A 184 26.84 10.59 1.09
N GLU A 185 27.20 11.61 0.30
CA GLU A 185 26.93 11.57 -1.13
C GLU A 185 27.89 10.66 -1.88
N ASP A 186 28.97 10.24 -1.21
CA ASP A 186 29.96 9.35 -1.82
C ASP A 186 29.50 7.89 -1.87
N LEU A 187 28.44 7.57 -1.13
CA LEU A 187 28.04 6.19 -0.91
C LEU A 187 26.90 5.74 -1.81
N ASN A 188 26.21 6.72 -2.41
CA ASN A 188 25.12 6.41 -3.32
C ASN A 188 24.03 5.57 -2.66
N VAL A 189 23.73 5.88 -1.41
CA VAL A 189 22.60 5.29 -0.68
C VAL A 189 21.68 6.42 -0.21
N PRO A 190 21.07 7.15 -1.16
CA PRO A 190 20.25 8.30 -0.77
C PRO A 190 18.95 7.88 -0.09
N GLY A 191 18.48 6.68 -0.39
CA GLY A 191 17.24 6.19 0.18
C GLY A 191 16.18 5.84 -0.88
N ASN A 192 15.00 5.48 -0.40
CA ASN A 192 13.86 5.10 -1.24
C ASN A 192 14.18 4.08 -2.32
N ALA A 193 15.14 3.18 -2.09
CA ALA A 193 15.40 2.13 -3.07
C ALA A 193 14.12 1.37 -3.44
N GLY A 194 13.23 1.20 -2.47
CA GLY A 194 12.01 0.42 -2.72
C GLY A 194 11.06 1.16 -3.65
N LEU A 195 11.00 2.47 -3.53
CA LEU A 195 10.19 3.27 -4.45
C LEU A 195 10.84 3.29 -5.84
N LYS A 196 12.16 3.27 -5.87
CA LYS A 196 12.85 3.23 -7.14
C LYS A 196 12.60 1.92 -7.85
N ASP A 197 12.46 0.84 -7.08
CA ASP A 197 12.06 -0.44 -7.64
C ASP A 197 10.68 -0.25 -8.33
N GLN A 198 9.77 0.43 -7.64
CA GLN A 198 8.44 0.69 -8.20
C GLN A 198 8.51 1.44 -9.53
N VAL A 199 9.29 2.50 -9.56
CA VAL A 199 9.50 3.29 -10.77
C VAL A 199 10.07 2.44 -11.90
N MET A 200 11.06 1.60 -11.62
CA MET A 200 11.61 0.77 -12.69
C MET A 200 10.56 -0.21 -13.20
N ALA A 201 9.69 -0.66 -12.29
CA ALA A 201 8.65 -1.61 -12.66
C ALA A 201 7.59 -0.93 -13.52
N LEU A 202 7.31 0.33 -13.23
CA LEU A 202 6.35 1.10 -14.01
C LEU A 202 6.87 1.27 -15.43
N ARG A 203 8.16 1.62 -15.54
CA ARG A 203 8.81 1.79 -16.82
C ARG A 203 8.77 0.51 -17.62
N TRP A 204 8.96 -0.62 -16.94
CA TRP A 204 8.88 -1.88 -17.62
C TRP A 204 7.47 -2.08 -18.17
N ILE A 205 6.48 -1.76 -17.35
CA ILE A 205 5.08 -2.02 -17.70
C ILE A 205 4.63 -1.14 -18.88
N LYS A 206 5.03 0.13 -18.86
CA LYS A 206 4.76 1.04 -19.95
C LYS A 206 5.33 0.55 -21.28
N ASN A 207 6.47 -0.15 -21.23
CA ASN A 207 7.18 -0.54 -22.44
C ASN A 207 7.01 -2.01 -22.78
N ASN A 208 6.07 -2.68 -22.11
CA ASN A 208 5.95 -4.12 -22.27
C ASN A 208 4.51 -4.65 -22.21
N CYS A 209 3.58 -3.81 -21.73
CA CYS A 209 2.21 -4.28 -21.52
C CYS A 209 1.57 -4.62 -22.85
N ALA A 210 1.88 -3.80 -23.85
CA ALA A 210 1.39 -4.00 -25.22
C ALA A 210 1.55 -5.45 -25.63
N ASN A 211 2.69 -6.04 -25.25
CA ASN A 211 2.98 -7.42 -25.64
C ASN A 211 2.16 -8.45 -24.89
N PHE A 212 1.24 -8.00 -24.04
CA PHE A 212 0.35 -8.92 -23.32
C PHE A 212 -1.10 -8.57 -23.59
N GLY A 213 -1.31 -7.52 -24.37
CA GLY A 213 -2.64 -7.18 -24.84
C GLY A 213 -3.14 -5.88 -24.25
N GLY A 214 -2.21 -5.13 -23.65
CA GLY A 214 -2.58 -3.97 -22.87
C GLY A 214 -2.22 -2.68 -23.55
N ASN A 215 -3.06 -1.67 -23.33
CA ASN A 215 -2.85 -0.35 -23.90
C ASN A 215 -1.95 0.52 -23.03
N PRO A 216 -0.71 0.73 -23.48
CA PRO A 216 0.25 1.57 -22.75
C PRO A 216 -0.22 3.02 -22.62
N ASP A 217 -1.34 3.35 -23.26
CA ASP A 217 -1.92 4.68 -23.15
C ASP A 217 -3.14 4.68 -22.21
N ASN A 218 -3.45 3.52 -21.65
CA ASN A 218 -4.49 3.43 -20.62
C ASN A 218 -4.09 2.56 -19.40
N ILE A 219 -3.25 3.13 -18.55
CA ILE A 219 -2.68 2.39 -17.42
C ILE A 219 -3.07 2.98 -16.07
N THR A 220 -3.61 2.13 -15.22
CA THR A 220 -4.00 2.53 -13.88
C THR A 220 -3.08 1.91 -12.81
N VAL A 221 -2.56 2.72 -11.93
CA VAL A 221 -1.81 2.22 -10.77
C VAL A 221 -2.70 2.33 -9.55
N PHE A 222 -2.80 1.25 -8.79
CA PHE A 222 -3.53 1.35 -7.52
C PHE A 222 -2.87 0.52 -6.42
N GLY A 223 -3.24 0.80 -5.17
CA GLY A 223 -2.66 0.12 -4.04
C GLY A 223 -3.37 0.46 -2.77
N GLU A 224 -3.23 -0.41 -1.78
CA GLU A 224 -3.86 -0.20 -0.50
C GLU A 224 -2.80 0.00 0.59
N SER A 225 -3.06 0.87 1.58
CA SER A 225 -2.07 1.14 2.64
C SER A 225 -0.76 1.71 2.15
N ALA A 226 0.34 1.03 2.48
CA ALA A 226 1.61 1.47 1.94
C ALA A 226 1.59 1.42 0.42
N GLY A 227 0.75 0.53 -0.16
CA GLY A 227 0.55 0.48 -1.59
C GLY A 227 -0.13 1.77 -2.07
N ALA A 228 -1.00 2.33 -1.23
CA ALA A 228 -1.66 3.56 -1.55
C ALA A 228 -0.69 4.74 -1.47
N ALA A 229 0.15 4.75 -0.43
CA ALA A 229 1.19 5.77 -0.35
C ALA A 229 2.17 5.61 -1.53
N SER A 230 2.43 4.36 -1.91
CA SER A 230 3.31 4.08 -3.04
C SER A 230 2.72 4.64 -4.32
N THR A 231 1.44 4.36 -4.52
CA THR A 231 0.76 4.86 -5.70
C THR A 231 0.86 6.36 -5.78
N HIS A 232 0.62 7.02 -4.66
CA HIS A 232 0.67 8.47 -4.62
C HIS A 232 2.08 8.98 -4.91
N TYR A 233 3.11 8.38 -4.29
CA TYR A 233 4.50 8.70 -4.64
C TYR A 233 4.72 8.56 -6.14
N MET A 234 4.18 7.51 -6.74
CA MET A 234 4.32 7.35 -8.19
C MET A 234 3.57 8.45 -8.96
N MET A 235 2.65 9.12 -8.28
CA MET A 235 1.92 10.24 -8.89
C MET A 235 2.60 11.57 -8.58
N LEU A 236 3.44 11.58 -7.53
CA LEU A 236 4.08 12.82 -7.12
C LEU A 236 5.42 13.04 -7.83
N THR A 237 6.14 11.94 -8.07
CA THR A 237 7.53 12.02 -8.54
C THR A 237 7.64 12.37 -10.01
N GLU A 238 8.67 13.14 -10.35
CA GLU A 238 8.89 13.54 -11.73
C GLU A 238 9.46 12.41 -12.56
N GLN A 239 9.79 11.32 -11.90
CA GLN A 239 10.37 10.16 -12.57
C GLN A 239 9.38 9.43 -13.47
N THR A 240 8.10 9.59 -13.20
CA THR A 240 7.08 8.74 -13.82
C THR A 240 6.08 9.52 -14.66
N ARG A 241 6.39 10.79 -14.91
CA ARG A 241 5.54 11.67 -15.72
C ARG A 241 4.95 10.94 -16.94
N GLY A 242 3.63 10.86 -16.98
CA GLY A 242 2.92 10.32 -18.13
C GLY A 242 2.88 8.81 -18.26
N LEU A 243 3.57 8.10 -17.36
CA LEU A 243 3.62 6.65 -17.44
C LEU A 243 2.26 5.99 -17.32
N PHE A 244 1.36 6.62 -16.58
CA PHE A 244 0.03 6.06 -16.39
C PHE A 244 -1.01 7.18 -16.29
N HIS A 245 -2.27 6.79 -16.26
CA HIS A 245 -3.31 7.74 -16.61
C HIS A 245 -4.44 7.85 -15.58
N ARG A 246 -4.47 6.92 -14.63
CA ARG A 246 -5.41 6.99 -13.50
C ARG A 246 -4.72 6.50 -12.24
N GLY A 247 -5.06 7.09 -11.09
CA GLY A 247 -4.60 6.56 -9.81
C GLY A 247 -5.74 6.27 -8.85
N ILE A 248 -5.61 5.19 -8.09
CA ILE A 248 -6.55 4.88 -7.00
C ILE A 248 -5.80 4.72 -5.67
N LEU A 249 -6.11 5.58 -4.70
CA LEU A 249 -5.51 5.52 -3.37
C LEU A 249 -6.42 4.86 -2.35
N MET A 250 -6.13 3.59 -2.06
CA MET A 250 -6.92 2.80 -1.11
C MET A 250 -6.40 2.87 0.33
N SER A 251 -7.05 3.69 1.16
CA SER A 251 -6.65 3.82 2.57
C SER A 251 -5.20 4.27 2.73
N GLY A 252 -4.82 5.34 2.04
CA GLY A 252 -3.52 5.92 2.32
C GLY A 252 -3.09 6.90 1.26
N ASN A 253 -2.08 7.70 1.61
CA ASN A 253 -1.42 8.58 0.66
C ASN A 253 -0.04 9.00 1.19
N ALA A 254 0.72 9.72 0.37
CA ALA A 254 2.12 10.07 0.69
C ALA A 254 2.27 10.99 1.88
N ILE A 255 1.21 11.66 2.30
CA ILE A 255 1.40 12.57 3.41
C ILE A 255 0.76 12.05 4.67
N CYS A 256 0.38 10.77 4.66
CA CYS A 256 0.06 10.09 5.91
C CYS A 256 1.30 10.10 6.80
N PRO A 257 1.10 10.23 8.11
CA PRO A 257 2.30 10.41 8.96
C PRO A 257 3.18 9.16 8.98
N TRP A 258 2.56 8.02 8.75
CA TRP A 258 3.26 6.73 8.71
C TRP A 258 3.94 6.45 7.38
N ALA A 259 3.78 7.35 6.41
CA ALA A 259 4.16 7.10 5.02
C ALA A 259 5.56 7.56 4.63
N ASN A 260 6.20 8.29 5.51
CA ASN A 260 7.57 8.71 5.29
C ASN A 260 8.26 8.99 6.61
N THR A 261 9.59 8.90 6.64
CA THR A 261 10.32 9.15 7.88
C THR A 261 11.72 9.62 7.51
N GLN A 262 12.29 10.49 8.35
CA GLN A 262 13.68 10.88 8.19
C GLN A 262 14.53 9.89 9.00
N CYS A 263 15.10 8.90 8.29
CA CYS A 263 15.71 7.75 8.95
C CYS A 263 17.24 7.65 8.80
N GLN A 264 17.87 8.74 8.41
CA GLN A 264 19.29 8.73 8.08
C GLN A 264 20.16 8.35 9.29
N HIS A 265 19.65 8.67 10.47
N HIS A 265 19.70 8.68 10.49
CA HIS A 265 20.37 8.45 11.72
CA HIS A 265 20.46 8.42 11.72
C HIS A 265 20.19 7.05 12.27
C HIS A 265 20.30 6.97 12.18
N ARG A 266 19.30 6.26 11.66
CA ARG A 266 18.96 4.93 12.19
C ARG A 266 19.80 3.79 11.63
N ALA A 267 20.50 4.05 10.54
CA ALA A 267 21.36 3.03 9.98
C ALA A 267 22.41 2.63 11.03
N PHE A 268 22.95 3.64 11.71
CA PHE A 268 23.93 3.40 12.78
C PHE A 268 23.33 2.52 13.87
N THR A 269 22.08 2.82 14.26
CA THR A 269 21.41 2.05 15.29
C THR A 269 21.21 0.60 14.90
N LEU A 270 20.81 0.39 13.65
CA LEU A 270 20.64 -0.96 13.13
C LEU A 270 21.97 -1.73 13.19
N ALA A 271 23.00 -1.09 12.64
CA ALA A 271 24.34 -1.65 12.66
C ALA A 271 24.75 -2.05 14.08
N LYS A 272 24.58 -1.15 15.04
CA LYS A 272 24.92 -1.46 16.43
C LYS A 272 24.07 -2.59 17.01
N LEU A 273 22.81 -2.68 16.62
CA LEU A 273 21.99 -3.82 17.06
C LEU A 273 22.56 -5.10 16.47
N ALA A 274 23.15 -4.98 15.28
CA ALA A 274 23.69 -6.15 14.60
C ALA A 274 25.15 -6.46 15.04
N GLY A 275 25.69 -5.61 15.91
CA GLY A 275 26.95 -5.87 16.60
C GLY A 275 28.12 -5.16 15.97
N TYR A 276 27.83 -4.05 15.30
CA TYR A 276 28.86 -3.23 14.68
C TYR A 276 29.75 -2.62 15.75
N LYS A 277 31.04 -2.62 15.49
CA LYS A 277 32.02 -2.12 16.46
C LYS A 277 32.73 -1.00 15.78
N GLY A 278 32.64 0.19 16.36
CA GLY A 278 33.22 1.36 15.73
C GLY A 278 32.37 2.57 16.01
N GLU A 279 32.70 3.67 15.36
CA GLU A 279 31.92 4.88 15.58
C GLU A 279 30.92 5.12 14.46
N ASP A 280 30.13 6.18 14.64
CA ASP A 280 29.10 6.52 13.68
C ASP A 280 29.63 7.26 12.47
N ASN A 281 29.88 6.49 11.42
CA ASN A 281 30.40 7.02 10.18
C ASN A 281 29.66 6.32 9.03
N ASP A 282 29.06 7.06 8.10
CA ASP A 282 28.22 6.45 7.06
C ASP A 282 28.98 5.36 6.30
N LYS A 283 30.25 5.62 5.98
CA LYS A 283 31.04 4.65 5.21
C LYS A 283 31.18 3.35 5.98
N ASP A 284 31.61 3.46 7.22
CA ASP A 284 31.88 2.28 8.05
C ASP A 284 30.59 1.52 8.35
N VAL A 285 29.52 2.27 8.59
CA VAL A 285 28.22 1.69 8.89
C VAL A 285 27.72 0.95 7.67
N LEU A 286 27.84 1.57 6.51
CA LEU A 286 27.37 0.96 5.27
C LEU A 286 28.18 -0.29 5.00
N GLU A 287 29.49 -0.21 5.19
CA GLU A 287 30.36 -1.37 4.95
C GLU A 287 29.97 -2.56 5.83
N PHE A 288 29.65 -2.30 7.09
CA PHE A 288 29.16 -3.36 7.96
C PHE A 288 27.83 -3.91 7.47
N LEU A 289 26.89 -3.02 7.17
CA LEU A 289 25.55 -3.43 6.73
C LEU A 289 25.60 -4.21 5.45
N MET A 290 26.51 -3.80 4.56
CA MET A 290 26.65 -4.46 3.26
C MET A 290 26.97 -5.94 3.37
N LYS A 291 27.52 -6.33 4.51
CA LYS A 291 28.01 -7.69 4.68
C LYS A 291 27.17 -8.52 5.65
N ALA A 292 26.26 -7.88 6.37
CA ALA A 292 25.44 -8.62 7.34
C ALA A 292 24.48 -9.58 6.63
N LYS A 293 24.00 -10.60 7.33
CA LYS A 293 23.00 -11.47 6.73
C LYS A 293 21.68 -10.70 6.58
N PRO A 294 20.97 -10.91 5.46
CA PRO A 294 19.74 -10.13 5.29
C PRO A 294 18.72 -10.42 6.38
N GLN A 295 18.56 -11.70 6.76
CA GLN A 295 17.59 -12.04 7.80
C GLN A 295 17.90 -11.38 9.17
N ASP A 296 19.18 -11.10 9.44
CA ASP A 296 19.54 -10.53 10.74
C ASP A 296 19.13 -9.07 10.85
N LEU A 297 19.37 -8.31 9.79
CA LEU A 297 18.99 -6.90 9.75
C LEU A 297 17.48 -6.78 9.91
N ILE A 298 16.75 -7.55 9.11
CA ILE A 298 15.30 -7.44 9.08
C ILE A 298 14.70 -7.83 10.42
N LYS A 299 15.19 -8.91 11.03
CA LYS A 299 14.63 -9.27 12.33
C LYS A 299 14.93 -8.20 13.40
N LEU A 300 16.08 -7.55 13.31
CA LEU A 300 16.47 -6.58 14.34
C LEU A 300 15.83 -5.23 14.08
N GLU A 301 15.16 -5.11 12.94
CA GLU A 301 14.53 -3.84 12.58
C GLU A 301 13.52 -3.41 13.63
N GLU A 302 12.83 -4.39 14.22
CA GLU A 302 11.80 -4.06 15.18
C GLU A 302 12.35 -3.42 16.47
N LYS A 303 13.67 -3.36 16.63
CA LYS A 303 14.23 -2.73 17.81
C LYS A 303 14.85 -1.37 17.52
N VAL A 304 14.82 -0.92 16.26
CA VAL A 304 15.56 0.29 15.92
C VAL A 304 14.93 1.53 16.54
N LEU A 305 13.60 1.64 16.56
CA LEU A 305 12.95 2.86 17.07
C LEU A 305 13.16 3.06 18.58
N THR A 306 13.50 4.28 18.96
CA THR A 306 13.61 4.60 20.38
C THR A 306 12.23 4.67 20.98
N LEU A 307 12.18 4.70 22.31
CA LEU A 307 10.96 4.90 23.04
C LEU A 307 10.36 6.25 22.67
N GLU A 308 11.21 7.26 22.52
CA GLU A 308 10.70 8.57 22.17
C GLU A 308 10.02 8.55 20.80
N GLU A 309 10.66 7.90 19.82
CA GLU A 309 10.11 7.83 18.47
C GLU A 309 8.78 7.10 18.48
N ARG A 310 8.69 5.99 19.22
CA ARG A 310 7.43 5.24 19.27
C ARG A 310 6.36 6.09 19.94
N THR A 311 6.73 6.79 20.99
CA THR A 311 5.78 7.60 21.73
C THR A 311 5.21 8.72 20.85
N ASN A 312 6.05 9.27 19.98
CA ASN A 312 5.61 10.27 19.02
C ASN A 312 4.99 9.67 17.75
N LYS A 313 4.60 8.40 17.83
CA LYS A 313 3.87 7.69 16.74
C LYS A 313 4.69 7.44 15.48
N VAL A 314 6.01 7.44 15.58
CA VAL A 314 6.79 6.92 14.46
C VAL A 314 6.57 5.43 14.42
N MET A 315 6.11 4.93 13.28
CA MET A 315 5.65 3.56 13.26
C MET A 315 6.69 2.60 12.69
N PHE A 316 7.45 3.06 11.71
CA PHE A 316 8.51 2.22 11.15
C PHE A 316 9.84 2.98 11.16
N PRO A 317 10.95 2.25 11.41
CA PRO A 317 12.27 2.87 11.44
C PRO A 317 12.74 3.24 10.06
N PHE A 318 12.49 2.37 9.09
CA PHE A 318 12.89 2.65 7.72
C PHE A 318 11.66 2.70 6.80
N GLY A 319 11.57 3.74 5.99
CA GLY A 319 10.49 3.87 5.03
C GLY A 319 10.86 4.93 4.01
N PRO A 320 9.88 5.39 3.23
CA PRO A 320 10.13 6.48 2.30
C PRO A 320 10.69 7.72 3.00
N THR A 321 11.63 8.38 2.35
CA THR A 321 12.28 9.50 3.00
C THR A 321 12.57 10.60 2.00
N VAL A 322 12.72 11.83 2.50
CA VAL A 322 13.23 12.91 1.66
C VAL A 322 14.73 12.71 1.45
N GLU A 323 15.15 12.51 0.20
CA GLU A 323 16.55 12.15 -0.07
C GLU A 323 17.48 13.35 0.17
N PRO A 324 18.62 13.10 0.83
CA PRO A 324 19.51 14.19 1.25
C PRO A 324 20.28 14.83 0.08
N TYR A 325 20.34 14.16 -1.06
CA TYR A 325 20.95 14.77 -2.22
C TYR A 325 20.29 14.20 -3.47
N GLN A 326 20.21 15.01 -4.52
CA GLN A 326 19.58 14.52 -5.75
C GLN A 326 20.56 13.66 -6.53
N THR A 327 20.08 12.61 -7.17
CA THR A 327 20.91 11.81 -8.05
C THR A 327 20.14 11.55 -9.33
N ALA A 328 20.65 10.65 -10.15
CA ALA A 328 19.96 10.27 -11.37
C ALA A 328 18.56 9.78 -11.04
N ASP A 329 18.48 8.81 -10.13
CA ASP A 329 17.24 8.09 -9.90
C ASP A 329 16.46 8.57 -8.69
N CYS A 330 16.83 9.73 -8.15
CA CYS A 330 16.11 10.31 -7.01
C CYS A 330 14.59 10.27 -7.27
N VAL A 331 13.84 9.91 -6.23
CA VAL A 331 12.38 9.79 -6.36
C VAL A 331 11.72 10.88 -5.56
N LEU A 332 12.28 11.19 -4.38
CA LEU A 332 11.72 12.21 -3.52
C LEU A 332 12.75 13.27 -3.11
N PRO A 333 12.86 14.35 -3.89
CA PRO A 333 13.77 15.47 -3.58
C PRO A 333 13.30 16.38 -2.46
N LYS A 334 12.00 16.52 -2.26
CA LYS A 334 11.51 17.38 -1.16
C LYS A 334 10.47 16.64 -0.35
N HIS A 335 9.95 17.30 0.67
CA HIS A 335 8.84 16.74 1.42
C HIS A 335 7.62 16.53 0.48
N PRO A 336 6.89 15.41 0.66
CA PRO A 336 5.75 15.05 -0.18
C PRO A 336 4.76 16.19 -0.36
N ARG A 337 4.52 16.94 0.72
CA ARG A 337 3.64 18.10 0.69
C ARG A 337 4.08 19.13 -0.34
N GLU A 338 5.39 19.30 -0.44
CA GLU A 338 5.96 20.26 -1.37
C GLU A 338 5.90 19.72 -2.78
N MET A 339 6.03 18.40 -2.91
CA MET A 339 5.98 17.76 -4.22
C MET A 339 4.57 17.77 -4.81
N VAL A 340 3.58 17.86 -3.94
CA VAL A 340 2.19 17.98 -4.38
C VAL A 340 2.04 19.21 -5.28
N LYS A 341 2.79 20.27 -4.98
CA LYS A 341 2.65 21.53 -5.69
C LYS A 341 2.91 21.43 -7.19
N THR A 342 3.84 20.58 -7.60
CA THR A 342 4.16 20.46 -9.02
C THR A 342 3.96 19.05 -9.52
N ALA A 343 3.17 18.27 -8.80
CA ALA A 343 3.01 16.87 -9.11
C ALA A 343 2.18 16.67 -10.36
N TRP A 344 2.80 16.09 -11.38
CA TRP A 344 2.12 15.79 -12.61
C TRP A 344 0.81 15.02 -12.40
N GLY A 345 0.83 14.09 -11.44
CA GLY A 345 -0.29 13.22 -11.16
C GLY A 345 -1.49 13.92 -10.54
N ASN A 346 -1.32 15.19 -10.19
CA ASN A 346 -2.45 16.01 -9.75
C ASN A 346 -3.42 16.23 -10.91
N SER A 347 -3.04 15.80 -12.10
CA SER A 347 -3.81 16.10 -13.29
C SER A 347 -4.20 14.83 -14.07
N ILE A 348 -4.36 13.72 -13.35
CA ILE A 348 -4.96 12.54 -13.92
C ILE A 348 -6.17 12.22 -13.06
N PRO A 349 -7.13 11.46 -13.63
CA PRO A 349 -8.30 11.02 -12.87
C PRO A 349 -7.87 10.25 -11.63
N THR A 350 -8.38 10.66 -10.47
CA THR A 350 -8.00 10.07 -9.20
C THR A 350 -9.19 9.56 -8.41
N MET A 351 -9.07 8.37 -7.82
CA MET A 351 -10.05 7.90 -6.85
C MET A 351 -9.37 7.61 -5.51
N MET A 352 -10.01 8.02 -4.42
CA MET A 352 -9.49 7.82 -3.06
C MET A 352 -10.58 7.29 -2.16
N GLY A 353 -10.21 6.47 -1.18
CA GLY A 353 -11.20 6.01 -0.24
C GLY A 353 -10.66 5.38 1.01
N ASN A 354 -11.53 5.18 1.97
CA ASN A 354 -11.19 4.54 3.22
C ASN A 354 -12.30 3.60 3.60
N THR A 355 -12.02 2.65 4.46
CA THR A 355 -13.08 1.82 5.01
C THR A 355 -13.83 2.56 6.12
N SER A 356 -14.96 2.00 6.57
CA SER A 356 -15.79 2.76 7.50
C SER A 356 -15.42 2.63 8.99
N TYR A 357 -14.45 1.78 9.31
CA TYR A 357 -13.89 1.70 10.66
C TYR A 357 -12.40 1.31 10.57
N GLU A 358 -11.62 2.14 9.91
CA GLU A 358 -10.21 1.87 9.63
C GLU A 358 -9.44 1.40 10.86
N GLY A 359 -9.58 2.15 11.96
CA GLY A 359 -8.71 2.04 13.13
C GLY A 359 -8.98 0.79 13.92
N LEU A 360 -10.02 0.05 13.53
CA LEU A 360 -10.29 -1.28 14.08
C LEU A 360 -9.11 -2.22 13.81
N PHE A 361 -8.29 -1.89 12.81
CA PHE A 361 -7.04 -2.60 12.53
C PHE A 361 -6.11 -2.65 13.75
N PHE A 362 -6.30 -1.75 14.71
CA PHE A 362 -5.34 -1.64 15.82
C PHE A 362 -5.73 -2.42 17.07
N THR A 363 -6.78 -3.24 16.95
CA THR A 363 -7.20 -4.13 18.03
C THR A 363 -6.02 -4.96 18.54
N SER A 364 -5.25 -5.51 17.60
CA SER A 364 -4.13 -6.37 17.92
C SER A 364 -3.07 -5.66 18.75
N ILE A 365 -2.71 -4.46 18.33
CA ILE A 365 -1.70 -3.67 19.02
C ILE A 365 -2.23 -3.12 20.34
N LEU A 366 -3.52 -2.81 20.40
CA LEU A 366 -4.13 -2.35 21.64
C LEU A 366 -4.12 -3.41 22.70
N LYS A 367 -4.32 -4.65 22.28
CA LYS A 367 -4.48 -5.73 23.25
C LYS A 367 -3.14 -6.05 23.91
N GLN A 368 -2.05 -5.93 23.15
CA GLN A 368 -0.73 -6.18 23.74
C GLN A 368 -0.27 -5.03 24.62
N MET A 369 -0.81 -3.84 24.36
CA MET A 369 -0.45 -2.64 25.11
C MET A 369 -1.65 -1.76 25.49
N PRO A 370 -2.48 -2.22 26.45
CA PRO A 370 -3.75 -1.54 26.76
C PRO A 370 -3.54 -0.14 27.34
N LEU A 371 -2.34 0.13 27.85
CA LEU A 371 -1.98 1.45 28.40
C LEU A 371 -2.12 2.56 27.34
N LEU A 372 -2.00 2.19 26.07
CA LEU A 372 -2.20 3.13 24.97
C LEU A 372 -3.56 3.85 25.07
N VAL A 373 -4.57 3.23 25.66
CA VAL A 373 -5.86 3.88 25.85
C VAL A 373 -5.75 5.16 26.69
N LYS A 374 -4.84 5.14 27.66
CA LYS A 374 -4.66 6.30 28.54
C LYS A 374 -4.18 7.52 27.75
N GLU A 375 -3.65 7.29 26.55
CA GLU A 375 -3.16 8.39 25.72
C GLU A 375 -4.29 9.35 25.39
N LEU A 376 -5.53 8.86 25.48
CA LEU A 376 -6.68 9.65 25.10
C LEU A 376 -7.13 10.56 26.24
N GLU A 377 -6.47 10.47 27.39
CA GLU A 377 -6.77 11.34 28.52
C GLU A 377 -6.57 12.81 28.13
N THR A 378 -5.53 13.07 27.37
CA THR A 378 -5.27 14.41 26.85
C THR A 378 -5.15 14.43 25.34
N CYS A 379 -4.86 13.25 24.77
CA CYS A 379 -4.63 13.09 23.35
C CYS A 379 -3.40 13.83 22.86
N VAL A 380 -2.51 14.28 23.74
CA VAL A 380 -1.39 15.08 23.25
C VAL A 380 -0.52 14.22 22.29
N ASN A 381 -0.44 12.90 22.50
CA ASN A 381 0.49 12.10 21.66
C ASN A 381 0.00 11.98 20.20
N PHE A 382 -1.23 12.41 19.97
CA PHE A 382 -1.79 12.29 18.62
C PHE A 382 -1.82 13.64 17.89
N VAL A 383 -1.48 14.73 18.58
CA VAL A 383 -1.37 16.03 17.90
C VAL A 383 -0.31 15.88 16.83
N PRO A 384 -0.60 16.36 15.60
CA PRO A 384 0.42 16.28 14.55
C PRO A 384 1.81 16.79 15.05
N SER A 385 2.86 16.00 14.83
CA SER A 385 4.16 16.30 15.43
C SER A 385 4.72 17.64 14.99
N GLU A 386 4.42 18.08 13.77
CA GLU A 386 4.89 19.38 13.31
C GLU A 386 4.38 20.52 14.24
N LEU A 387 3.22 20.30 14.87
CA LEU A 387 2.56 21.26 15.77
C LEU A 387 2.95 21.06 17.24
N ALA A 388 3.30 19.83 17.61
CA ALA A 388 3.45 19.52 19.02
C ALA A 388 4.84 19.97 19.50
N ASP A 389 4.98 20.25 20.79
CA ASP A 389 6.34 20.43 21.36
C ASP A 389 6.93 19.06 21.73
N ALA A 390 8.25 19.02 21.96
CA ALA A 390 8.93 17.74 22.07
C ALA A 390 8.44 16.92 23.25
N GLU A 391 8.16 17.58 24.36
CA GLU A 391 7.71 16.88 25.55
C GLU A 391 6.21 16.68 25.53
N ARG A 392 5.55 17.38 24.58
CA ARG A 392 4.09 17.45 24.51
C ARG A 392 3.46 17.86 25.84
N THR A 393 4.08 18.86 26.49
CA THR A 393 3.59 19.44 27.75
C THR A 393 3.19 20.91 27.60
N ALA A 394 3.52 21.50 26.47
CA ALA A 394 3.16 22.91 26.23
C ALA A 394 1.64 23.08 26.33
N PRO A 395 1.18 24.24 26.82
CA PRO A 395 -0.27 24.43 26.96
C PRO A 395 -0.99 24.45 25.60
N GLU A 396 -0.37 25.02 24.58
CA GLU A 396 -0.81 24.89 23.20
C GLU A 396 -1.06 23.41 22.84
N THR A 397 -0.08 22.55 23.12
CA THR A 397 -0.22 21.12 22.85
C THR A 397 -1.41 20.52 23.58
N LEU A 398 -1.55 20.82 24.87
CA LEU A 398 -2.75 20.40 25.60
C LEU A 398 -4.04 20.89 24.92
N GLU A 399 -3.99 22.11 24.41
CA GLU A 399 -5.19 22.64 23.78
C GLU A 399 -5.51 21.87 22.51
N MET A 400 -4.46 21.61 21.73
CA MET A 400 -4.62 20.89 20.48
C MET A 400 -5.15 19.50 20.75
N GLY A 401 -4.59 18.84 21.77
CA GLY A 401 -5.03 17.52 22.17
C GLY A 401 -6.47 17.51 22.63
N ALA A 402 -6.92 18.62 23.23
CA ALA A 402 -8.31 18.74 23.69
C ALA A 402 -9.29 18.75 22.53
N LYS A 403 -8.86 19.30 21.40
CA LYS A 403 -9.75 19.30 20.23
C LYS A 403 -10.00 17.89 19.73
N ILE A 404 -8.93 17.11 19.67
CA ILE A 404 -8.98 15.71 19.28
C ILE A 404 -9.82 14.90 20.23
N LYS A 405 -9.61 15.11 21.52
CA LYS A 405 -10.37 14.41 22.55
C LYS A 405 -11.87 14.64 22.38
N LYS A 406 -12.24 15.88 22.09
CA LYS A 406 -13.65 16.24 21.93
C LYS A 406 -14.26 15.56 20.71
N ALA A 407 -13.40 15.20 19.76
CA ALA A 407 -13.86 14.55 18.55
C ALA A 407 -14.11 13.05 18.74
N HIS A 408 -13.42 12.42 19.70
CA HIS A 408 -13.43 10.95 19.77
C HIS A 408 -13.80 10.34 21.11
N VAL A 409 -13.48 11.01 22.20
CA VAL A 409 -13.77 10.47 23.51
C VAL A 409 -15.23 10.78 23.83
N THR A 410 -16.04 9.74 24.01
CA THR A 410 -17.49 9.89 24.11
C THR A 410 -18.06 9.79 25.54
N GLY A 411 -17.23 9.31 26.49
CA GLY A 411 -17.62 9.28 27.89
C GLY A 411 -16.61 10.00 28.77
N GLU A 412 -16.70 9.81 30.09
CA GLU A 412 -15.79 10.51 30.99
C GLU A 412 -14.41 9.88 30.93
N THR A 413 -14.37 8.56 30.65
CA THR A 413 -13.10 7.86 30.43
C THR A 413 -13.07 7.27 29.01
N PRO A 414 -11.94 7.47 28.32
CA PRO A 414 -11.70 6.93 26.99
C PRO A 414 -11.76 5.40 26.94
N THR A 415 -12.35 4.87 25.87
CA THR A 415 -12.40 3.43 25.65
C THR A 415 -11.56 3.02 24.45
N ALA A 416 -11.24 1.72 24.40
CA ALA A 416 -10.55 1.11 23.26
C ALA A 416 -11.15 1.52 21.93
N ASP A 417 -12.46 1.68 21.88
CA ASP A 417 -13.12 2.04 20.63
C ASP A 417 -12.94 3.51 20.27
N ASN A 418 -12.87 4.38 21.28
CA ASN A 418 -12.60 5.79 21.03
C ASN A 418 -11.22 5.85 20.41
N PHE A 419 -10.35 4.98 20.91
CA PHE A 419 -8.95 4.92 20.49
C PHE A 419 -8.89 4.57 19.00
N MET A 420 -9.64 3.55 18.60
CA MET A 420 -9.56 3.08 17.23
C MET A 420 -10.25 4.07 16.27
N ASP A 421 -11.36 4.65 16.72
CA ASP A 421 -11.98 5.76 15.98
C ASP A 421 -11.01 6.92 15.77
N LEU A 422 -10.26 7.26 16.81
CA LEU A 422 -9.24 8.29 16.66
C LEU A 422 -8.20 7.83 15.65
N CYS A 423 -7.79 6.58 15.76
CA CYS A 423 -6.75 6.05 14.87
C CYS A 423 -7.19 6.15 13.41
N SER A 424 -8.48 5.95 13.15
CA SER A 424 -8.98 6.11 11.78
C SER A 424 -8.64 7.48 11.22
N HIS A 425 -8.77 8.50 12.06
CA HIS A 425 -8.52 9.83 11.60
C HIS A 425 -7.05 10.20 11.53
N PHE A 426 -6.30 9.88 12.58
CA PHE A 426 -4.87 10.21 12.64
C PHE A 426 -4.19 9.58 11.46
N TYR A 427 -4.51 8.32 11.19
CA TYR A 427 -3.75 7.56 10.21
C TYR A 427 -4.30 7.65 8.79
N PHE A 428 -5.60 7.94 8.63
CA PHE A 428 -6.18 7.94 7.30
C PHE A 428 -7.05 9.14 6.93
N TRP A 429 -8.08 9.48 7.71
CA TRP A 429 -9.00 10.49 7.22
C TRP A 429 -8.36 11.88 7.21
N PHE A 430 -7.65 12.23 8.28
CA PHE A 430 -7.12 13.58 8.35
C PHE A 430 -6.05 13.83 7.27
N PRO A 431 -5.07 12.90 7.10
CA PRO A 431 -4.16 13.08 5.96
C PRO A 431 -4.86 13.12 4.59
N MET A 432 -5.95 12.37 4.40
CA MET A 432 -6.68 12.50 3.14
C MET A 432 -7.22 13.92 2.95
N HIS A 433 -7.88 14.44 3.98
CA HIS A 433 -8.36 15.81 3.99
C HIS A 433 -7.26 16.83 3.65
N ARG A 434 -6.09 16.72 4.31
CA ARG A 434 -4.98 17.60 4.00
C ARG A 434 -4.53 17.45 2.56
N LEU A 435 -4.43 16.22 2.06
CA LEU A 435 -4.08 16.02 0.66
C LEU A 435 -5.10 16.68 -0.28
N LEU A 436 -6.37 16.48 0.01
CA LEU A 436 -7.38 16.94 -0.94
C LEU A 436 -7.29 18.48 -1.05
N GLN A 437 -7.15 19.11 0.09
CA GLN A 437 -7.15 20.56 0.17
C GLN A 437 -5.85 21.13 -0.40
N LEU A 438 -4.74 20.49 -0.06
CA LEU A 438 -3.50 20.94 -0.64
C LEU A 438 -3.53 20.76 -2.16
N ARG A 439 -4.08 19.64 -2.61
CA ARG A 439 -4.15 19.38 -4.04
C ARG A 439 -5.01 20.44 -4.78
N PHE A 440 -6.13 20.84 -4.18
CA PHE A 440 -7.04 21.79 -4.82
C PHE A 440 -6.33 23.11 -5.10
N ASN A 441 -5.30 23.43 -4.33
CA ASN A 441 -4.60 24.69 -4.55
C ASN A 441 -3.41 24.55 -5.51
N HIS A 442 -3.30 23.40 -6.16
CA HIS A 442 -2.26 23.17 -7.17
C HIS A 442 -2.72 22.09 -8.18
N THR A 443 -3.91 22.23 -8.75
CA THR A 443 -4.38 21.21 -9.69
C THR A 443 -4.93 21.81 -10.98
N SER A 444 -4.76 21.10 -12.09
CA SER A 444 -5.29 21.56 -13.38
C SER A 444 -6.81 21.48 -13.38
N GLY A 445 -7.38 20.85 -12.36
CA GLY A 445 -8.82 20.79 -12.22
C GLY A 445 -9.42 19.47 -12.71
N THR A 446 -8.68 18.38 -12.52
CA THR A 446 -9.19 17.08 -12.89
C THR A 446 -9.80 16.40 -11.65
N PRO A 447 -10.97 15.77 -11.83
CA PRO A 447 -11.80 15.24 -10.73
C PRO A 447 -11.10 14.22 -9.81
N VAL A 448 -11.45 14.27 -8.52
CA VAL A 448 -11.11 13.20 -7.60
C VAL A 448 -12.40 12.64 -6.99
N TYR A 449 -12.56 11.32 -7.08
CA TYR A 449 -13.73 10.64 -6.54
C TYR A 449 -13.45 9.95 -5.23
N LEU A 450 -14.36 10.08 -4.26
CA LEU A 450 -14.21 9.41 -2.98
C LEU A 450 -15.14 8.22 -2.83
N TYR A 451 -14.62 7.11 -2.30
CA TYR A 451 -15.46 5.99 -1.89
C TYR A 451 -15.31 5.74 -0.39
N ARG A 452 -16.29 5.08 0.20
CA ARG A 452 -16.18 4.69 1.59
C ARG A 452 -16.63 3.24 1.63
N PHE A 453 -15.69 2.33 1.89
CA PHE A 453 -15.98 0.90 1.87
C PHE A 453 -16.56 0.50 3.21
N ASP A 454 -17.78 0.00 3.15
CA ASP A 454 -18.64 -0.12 4.33
C ASP A 454 -19.41 -1.42 4.26
N PHE A 455 -18.82 -2.39 3.56
CA PHE A 455 -19.42 -3.69 3.45
C PHE A 455 -18.79 -4.66 4.43
N ASP A 456 -19.61 -5.20 5.32
CA ASP A 456 -19.10 -5.91 6.47
C ASP A 456 -19.52 -7.35 6.41
N SER A 457 -18.55 -8.26 6.44
CA SER A 457 -18.86 -9.69 6.41
C SER A 457 -17.78 -10.55 7.04
N GLU A 458 -18.19 -11.68 7.61
CA GLU A 458 -17.24 -12.63 8.15
C GLU A 458 -17.37 -13.97 7.45
N ASP A 459 -18.18 -14.02 6.39
CA ASP A 459 -18.30 -15.23 5.59
C ASP A 459 -17.09 -15.41 4.69
N LEU A 460 -16.56 -14.31 4.20
CA LEU A 460 -15.36 -14.33 3.36
C LEU A 460 -14.32 -13.37 3.93
N ILE A 461 -13.08 -13.83 4.12
CA ILE A 461 -12.04 -12.98 4.73
C ILE A 461 -10.67 -13.07 4.06
N ASN A 462 -9.72 -12.28 4.54
CA ASN A 462 -8.33 -12.42 4.07
C ASN A 462 -7.37 -12.53 5.28
N PRO A 463 -6.12 -12.99 5.07
CA PRO A 463 -5.25 -13.27 6.22
C PRO A 463 -5.00 -12.10 7.15
N TYR A 464 -5.15 -10.87 6.69
CA TYR A 464 -4.95 -9.73 7.59
C TYR A 464 -5.87 -9.80 8.80
N ARG A 465 -7.08 -10.34 8.63
CA ARG A 465 -8.01 -10.40 9.76
C ARG A 465 -7.44 -11.22 10.93
N ILE A 466 -6.54 -12.14 10.59
CA ILE A 466 -5.91 -13.00 11.58
C ILE A 466 -4.90 -12.20 12.39
N MET A 467 -4.00 -11.52 11.68
CA MET A 467 -3.05 -10.61 12.30
C MET A 467 -3.73 -9.62 13.24
N ARG A 468 -4.72 -8.89 12.73
CA ARG A 468 -5.38 -7.87 13.54
C ARG A 468 -6.33 -8.48 14.56
N SER A 469 -6.43 -9.81 14.57
CA SER A 469 -7.38 -10.56 15.41
C SER A 469 -8.78 -9.96 15.36
N GLY A 470 -9.21 -9.56 14.18
CA GLY A 470 -10.56 -9.08 13.96
C GLY A 470 -11.50 -10.20 13.57
N ARG A 471 -11.25 -11.38 14.15
CA ARG A 471 -12.08 -12.56 13.94
C ARG A 471 -13.23 -12.57 14.94
N GLY A 472 -14.42 -12.20 14.49
CA GLY A 472 -15.59 -12.11 15.36
C GLY A 472 -15.97 -10.69 15.72
N VAL A 473 -15.14 -9.73 15.31
CA VAL A 473 -15.36 -8.34 15.67
C VAL A 473 -16.05 -7.61 14.52
N LYS A 474 -17.11 -6.87 14.83
CA LYS A 474 -17.89 -6.20 13.78
C LYS A 474 -17.32 -4.84 13.40
N GLY A 475 -17.49 -4.47 12.13
CA GLY A 475 -16.98 -3.19 11.63
C GLY A 475 -16.01 -3.45 10.48
N VAL A 476 -15.74 -2.44 9.67
CA VAL A 476 -14.96 -2.70 8.46
C VAL A 476 -13.56 -2.16 8.63
N SER A 477 -12.69 -3.04 9.09
CA SER A 477 -11.33 -2.66 9.40
C SER A 477 -10.52 -2.28 8.18
N HIS A 478 -9.46 -1.51 8.42
CA HIS A 478 -8.35 -1.37 7.47
C HIS A 478 -8.04 -2.74 6.85
N THR A 479 -7.84 -2.77 5.53
CA THR A 479 -7.60 -3.99 4.73
C THR A 479 -8.81 -4.94 4.55
N ASP A 480 -9.94 -4.66 5.17
CA ASP A 480 -11.08 -5.59 4.99
C ASP A 480 -11.54 -5.68 3.53
N GLU A 481 -11.29 -4.63 2.74
CA GLU A 481 -11.82 -4.56 1.38
C GLU A 481 -11.03 -5.39 0.37
N LEU A 482 -9.80 -5.76 0.72
CA LEU A 482 -8.95 -6.55 -0.17
C LEU A 482 -9.62 -7.84 -0.58
N THR A 483 -10.41 -8.34 0.35
CA THR A 483 -11.08 -9.61 0.23
C THR A 483 -11.96 -9.66 -1.03
N TYR A 484 -12.49 -8.51 -1.42
CA TYR A 484 -13.43 -8.44 -2.53
C TYR A 484 -12.71 -8.01 -3.79
N PHE A 485 -11.39 -7.99 -3.71
CA PHE A 485 -10.58 -7.64 -4.86
C PHE A 485 -9.70 -8.80 -5.29
N PHE A 486 -9.13 -9.50 -4.31
CA PHE A 486 -8.16 -10.53 -4.63
C PHE A 486 -8.50 -11.89 -4.06
N TRP A 487 -8.12 -12.93 -4.79
CA TRP A 487 -8.15 -14.26 -4.22
C TRP A 487 -7.06 -14.41 -3.17
N ASN A 488 -7.38 -15.11 -2.09
CA ASN A 488 -6.38 -15.51 -1.09
C ASN A 488 -6.71 -16.90 -0.59
N GLN A 489 -5.76 -17.50 0.10
CA GLN A 489 -5.82 -18.91 0.48
C GLN A 489 -6.89 -19.23 1.50
N LEU A 490 -7.41 -18.23 2.18
CA LEU A 490 -8.51 -18.45 3.09
C LEU A 490 -9.85 -18.27 2.39
N ALA A 491 -9.83 -17.89 1.11
CA ALA A 491 -11.10 -17.63 0.41
C ALA A 491 -11.79 -18.92 -0.01
N LYS A 492 -13.06 -18.81 -0.40
CA LYS A 492 -13.79 -19.96 -0.92
C LYS A 492 -14.69 -19.54 -2.07
N ARG A 493 -15.13 -20.51 -2.87
CA ARG A 493 -16.13 -20.23 -3.88
C ARG A 493 -17.41 -19.82 -3.17
N MET A 494 -17.95 -18.67 -3.54
CA MET A 494 -19.17 -18.16 -2.91
C MET A 494 -20.35 -18.26 -3.87
N PRO A 495 -21.58 -18.42 -3.34
CA PRO A 495 -22.79 -18.50 -4.15
C PRO A 495 -23.00 -17.26 -4.99
N LYS A 496 -23.33 -17.44 -6.25
CA LYS A 496 -23.50 -16.34 -7.19
C LYS A 496 -24.36 -15.20 -6.64
N GLU A 497 -25.31 -15.52 -5.77
CA GLU A 497 -26.27 -14.54 -5.31
C GLU A 497 -25.99 -14.06 -3.89
N SER A 498 -24.84 -14.48 -3.36
CA SER A 498 -24.39 -14.03 -2.04
C SER A 498 -23.96 -12.55 -2.04
N ARG A 499 -24.18 -11.89 -0.93
CA ARG A 499 -23.80 -10.49 -0.79
C ARG A 499 -22.28 -10.35 -0.98
N GLU A 500 -21.51 -11.38 -0.66
CA GLU A 500 -20.05 -11.35 -0.88
C GLU A 500 -19.73 -11.37 -2.37
N TYR A 501 -20.29 -12.34 -3.09
CA TYR A 501 -20.07 -12.43 -4.54
C TYR A 501 -20.48 -11.14 -5.25
N LYS A 502 -21.61 -10.57 -4.84
CA LYS A 502 -22.09 -9.33 -5.44
C LYS A 502 -21.15 -8.15 -5.20
N THR A 503 -20.51 -8.14 -4.04
CA THR A 503 -19.55 -7.09 -3.74
C THR A 503 -18.28 -7.24 -4.58
N ILE A 504 -17.80 -8.47 -4.72
CA ILE A 504 -16.69 -8.72 -5.63
C ILE A 504 -16.98 -8.12 -7.00
N GLU A 505 -18.18 -8.42 -7.54
CA GLU A 505 -18.58 -7.90 -8.84
C GLU A 505 -18.56 -6.37 -8.91
N ARG A 506 -19.14 -5.75 -7.89
CA ARG A 506 -19.19 -4.30 -7.80
C ARG A 506 -17.79 -3.69 -7.69
N MET A 507 -16.96 -4.24 -6.82
CA MET A 507 -15.64 -3.65 -6.62
C MET A 507 -14.77 -3.82 -7.88
N THR A 508 -14.63 -5.04 -8.39
CA THR A 508 -13.86 -5.20 -9.62
C THR A 508 -14.48 -4.44 -10.78
N GLY A 509 -15.80 -4.31 -10.76
CA GLY A 509 -16.48 -3.55 -11.81
C GLY A 509 -16.19 -2.07 -11.74
N ILE A 510 -16.35 -1.48 -10.55
CA ILE A 510 -16.09 -0.06 -10.36
C ILE A 510 -14.66 0.24 -10.69
N TRP A 511 -13.76 -0.64 -10.26
CA TRP A 511 -12.34 -0.40 -10.42
C TRP A 511 -11.94 -0.54 -11.90
N THR A 512 -12.49 -1.52 -12.58
CA THR A 512 -12.26 -1.70 -14.00
C THR A 512 -12.89 -0.55 -14.81
N GLN A 513 -14.05 -0.08 -14.37
CA GLN A 513 -14.72 1.03 -15.05
C GLN A 513 -13.87 2.28 -14.93
N PHE A 514 -13.36 2.53 -13.73
CA PHE A 514 -12.54 3.72 -13.49
C PHE A 514 -11.25 3.64 -14.28
N ALA A 515 -10.66 2.45 -14.30
CA ALA A 515 -9.43 2.22 -15.05
C ALA A 515 -9.68 2.55 -16.51
N THR A 516 -10.81 2.09 -17.02
CA THR A 516 -11.10 2.16 -18.44
C THR A 516 -11.32 3.60 -18.85
N THR A 517 -12.21 4.26 -18.13
CA THR A 517 -12.76 5.54 -18.56
C THR A 517 -12.31 6.74 -17.72
N GLY A 518 -11.76 6.48 -16.54
CA GLY A 518 -11.35 7.58 -15.68
C GLY A 518 -12.55 8.13 -14.93
N ASN A 519 -13.66 7.41 -15.01
CA ASN A 519 -14.90 7.74 -14.31
C ASN A 519 -15.43 6.44 -13.73
N PRO A 520 -15.66 6.40 -12.40
CA PRO A 520 -16.04 5.16 -11.71
C PRO A 520 -17.50 4.77 -11.85
N TYR A 521 -18.33 5.67 -12.39
CA TYR A 521 -19.73 5.35 -12.53
C TYR A 521 -19.98 4.48 -13.76
N SER A 522 -20.83 3.49 -13.56
CA SER A 522 -21.36 2.69 -14.65
C SER A 522 -22.75 2.21 -14.33
N ASN A 523 -23.69 2.45 -15.24
CA ASN A 523 -25.05 1.96 -15.10
C ASN A 523 -25.09 0.42 -15.08
N GLU A 524 -24.04 -0.21 -15.60
CA GLU A 524 -23.99 -1.66 -15.70
C GLU A 524 -23.59 -2.37 -14.39
N ILE A 525 -23.45 -1.61 -13.30
CA ILE A 525 -23.09 -2.24 -12.04
C ILE A 525 -24.30 -2.36 -11.13
N GLU A 526 -24.52 -3.57 -10.65
CA GLU A 526 -25.69 -3.92 -9.83
C GLU A 526 -25.73 -3.11 -8.53
N GLY A 527 -26.79 -2.33 -8.37
CA GLY A 527 -26.95 -1.50 -7.18
C GLY A 527 -26.65 -0.03 -7.40
N MET A 528 -26.16 0.31 -8.59
CA MET A 528 -25.68 1.68 -8.86
C MET A 528 -26.63 2.51 -9.71
N GLU A 529 -27.83 1.99 -9.99
CA GLU A 529 -28.81 2.66 -10.88
C GLU A 529 -29.05 4.13 -10.54
N ASN A 530 -29.36 4.41 -9.28
CA ASN A 530 -29.68 5.78 -8.89
C ASN A 530 -28.49 6.50 -8.26
N VAL A 531 -27.32 5.87 -8.27
CA VAL A 531 -26.11 6.57 -7.86
C VAL A 531 -25.82 7.70 -8.84
N SER A 532 -25.47 8.87 -8.30
CA SER A 532 -24.93 9.96 -9.07
C SER A 532 -23.54 10.35 -8.53
N TRP A 533 -22.50 9.63 -8.97
CA TRP A 533 -21.18 9.79 -8.32
C TRP A 533 -20.40 11.02 -8.77
N ASP A 534 -20.64 12.13 -8.10
CA ASP A 534 -19.91 13.34 -8.44
C ASP A 534 -18.60 13.41 -7.65
N PRO A 535 -17.55 13.92 -8.28
CA PRO A 535 -16.23 14.06 -7.66
C PRO A 535 -16.19 15.29 -6.76
N ILE A 536 -15.12 15.45 -5.97
CA ILE A 536 -15.03 16.58 -5.03
C ILE A 536 -14.60 17.87 -5.72
N GLU A 537 -15.19 18.98 -5.33
CA GLU A 537 -14.78 20.27 -5.89
C GLU A 537 -14.12 21.13 -4.82
N LYS A 538 -13.25 22.05 -5.25
CA LYS A 538 -12.57 22.94 -4.30
C LYS A 538 -13.56 23.68 -3.41
N SER A 539 -14.70 24.03 -3.99
CA SER A 539 -15.70 24.81 -3.28
C SER A 539 -16.50 23.99 -2.26
N ASP A 540 -16.27 22.67 -2.21
CA ASP A 540 -17.06 21.82 -1.34
C ASP A 540 -16.73 21.96 0.13
N GLU A 541 -17.75 22.21 0.96
CA GLU A 541 -17.58 22.32 2.41
C GLU A 541 -17.72 20.96 3.08
N VAL A 542 -18.41 20.04 2.42
CA VAL A 542 -18.66 18.72 2.95
C VAL A 542 -18.33 17.69 1.88
N TYR A 543 -17.47 16.72 2.18
CA TYR A 543 -17.08 15.71 1.18
C TYR A 543 -18.21 14.77 0.88
N LYS A 544 -18.39 14.46 -0.40
CA LYS A 544 -19.32 13.42 -0.84
C LYS A 544 -18.59 12.17 -1.31
N CYS A 545 -19.14 11.01 -0.96
CA CYS A 545 -18.55 9.72 -1.31
C CYS A 545 -19.60 8.70 -1.70
N LEU A 546 -19.21 7.74 -2.53
CA LEU A 546 -20.01 6.53 -2.67
C LEU A 546 -19.77 5.61 -1.47
N ASN A 547 -20.76 5.53 -0.57
CA ASN A 547 -20.73 4.53 0.48
C ASN A 547 -21.05 3.16 -0.09
N ILE A 548 -20.07 2.27 -0.04
CA ILE A 548 -20.22 0.93 -0.56
C ILE A 548 -20.63 -0.05 0.52
N SER A 549 -21.91 -0.38 0.55
CA SER A 549 -22.39 -1.33 1.53
C SER A 549 -23.19 -2.42 0.81
N ASP A 550 -24.14 -3.06 1.49
CA ASP A 550 -25.12 -3.89 0.78
C ASP A 550 -25.83 -3.04 -0.26
N GLU A 551 -26.06 -1.80 0.12
CA GLU A 551 -26.57 -0.78 -0.76
C GLU A 551 -25.43 0.12 -1.22
N LEU A 552 -25.43 0.49 -2.50
CA LEU A 552 -24.49 1.48 -3.04
C LEU A 552 -25.15 2.83 -2.97
N LYS A 553 -24.57 3.75 -2.20
CA LYS A 553 -25.26 4.96 -1.83
C LYS A 553 -24.33 6.18 -1.76
N MET A 554 -24.73 7.27 -2.40
CA MET A 554 -24.01 8.54 -2.28
C MET A 554 -24.44 9.24 -1.02
N ILE A 555 -23.47 9.59 -0.18
CA ILE A 555 -23.72 10.25 1.09
C ILE A 555 -22.61 11.26 1.37
N ASP A 556 -22.93 12.26 2.18
CA ASP A 556 -21.89 13.10 2.76
C ASP A 556 -21.00 12.22 3.63
N VAL A 557 -19.70 12.47 3.63
CA VAL A 557 -18.80 11.66 4.44
C VAL A 557 -19.13 11.84 5.92
N PRO A 558 -19.51 10.76 6.60
CA PRO A 558 -19.90 10.82 8.01
C PRO A 558 -18.77 11.38 8.87
N GLU A 559 -17.54 11.09 8.46
CA GLU A 559 -16.36 11.47 9.23
C GLU A 559 -16.08 12.96 9.15
N MET A 560 -16.86 13.68 8.35
CA MET A 560 -16.56 15.09 8.06
C MET A 560 -16.44 15.99 9.30
N GLY A 561 -17.39 15.89 10.23
CA GLY A 561 -17.34 16.72 11.43
C GLY A 561 -16.05 16.50 12.23
N LYS A 562 -15.61 15.25 12.30
CA LYS A 562 -14.37 14.96 13.02
C LYS A 562 -13.18 15.51 12.24
N ILE A 563 -13.22 15.37 10.92
CA ILE A 563 -12.17 15.89 10.05
C ILE A 563 -11.99 17.42 10.28
N LYS A 564 -13.10 18.14 10.39
CA LYS A 564 -13.07 19.58 10.65
C LYS A 564 -12.52 19.89 12.02
N GLN A 565 -12.86 19.06 12.99
CA GLN A 565 -12.35 19.23 14.34
C GLN A 565 -10.80 19.05 14.40
N TRP A 566 -10.27 18.03 13.75
CA TRP A 566 -8.81 17.87 13.59
C TRP A 566 -8.24 19.08 12.88
N GLU A 567 -8.89 19.53 11.82
CA GLU A 567 -8.41 20.68 11.06
C GLU A 567 -8.26 21.93 11.94
N SER A 568 -9.10 22.08 12.96
CA SER A 568 -9.07 23.30 13.79
C SER A 568 -7.81 23.38 14.68
N MET A 569 -7.07 22.27 14.79
CA MET A 569 -5.77 22.33 15.47
C MET A 569 -4.82 23.29 14.76
N PHE A 570 -5.12 23.58 13.51
CA PHE A 570 -4.26 24.42 12.68
C PHE A 570 -4.77 25.86 12.58
N GLU A 571 -5.79 26.18 13.38
CA GLU A 571 -6.36 27.53 13.46
C GLU A 571 -5.28 28.63 13.53
N LYS A 572 -4.26 28.41 14.35
CA LYS A 572 -3.21 29.42 14.58
C LYS A 572 -1.90 29.12 13.81
N HIS A 573 -1.95 28.12 12.93
CA HIS A 573 -0.79 27.68 12.17
C HIS A 573 -1.25 27.21 10.81
N ARG A 574 -2.02 28.08 10.18
CA ARG A 574 -2.64 27.81 8.89
C ARG A 574 -1.58 27.44 7.86
N ASP A 575 -0.40 28.05 7.96
CA ASP A 575 0.66 27.75 6.99
C ASP A 575 1.12 26.28 7.02
N LEU A 576 0.89 25.60 8.14
CA LEU A 576 1.36 24.22 8.24
C LEU A 576 0.33 23.17 7.82
N PHE A 577 -0.92 23.60 7.60
CA PHE A 577 -2.02 22.66 7.32
C PHE A 577 -1.77 21.89 6.03
BR 7NJ B . 0.33 -0.47 10.94
C02 7NJ B . -0.31 0.50 9.42
C03 7NJ B . -0.43 -0.23 8.27
C04 7NJ B . -0.87 0.38 7.12
B05 7NJ B . -1.02 -0.53 5.74
O07 7NJ B . 0.43 -0.54 4.94
O08 7NJ B . -1.36 -2.12 6.11
C09 7NJ B . -1.18 1.71 7.11
C10 7NJ B . -1.05 2.44 8.29
C11 7NJ B . -0.61 1.85 9.45
C12 7NJ B . -0.51 2.72 10.66
#